data_9GFI
#
_entry.id   9GFI
#
_cell.length_a   87.51
_cell.length_b   62.06
_cell.length_c   49.35
_cell.angle_alpha   90
_cell.angle_beta   105.57
_cell.angle_gamma   90
#
_symmetry.space_group_name_H-M   'C 1 2 1'
#
loop_
_entity.id
_entity.type
_entity.pdbx_description
1 polymer 'Retinoic acid receptor alpha'
2 polymer 'Stapled peptide-like ligand'
3 non-polymer '4-{[(5,5,8,8-tetramethyl-5,6,7,8-tetrahydronaphthalen-2-yl)carbonyl]amino}benzoic acid'
4 water water
#
loop_
_entity_poly.entity_id
_entity_poly.type
_entity_poly.pdbx_seq_one_letter_code
_entity_poly.pdbx_strand_id
1 'polypeptide(L)'
;LTPEVGELIEKVRKAHQETFPALCQLGKYTTNNSSEQRVSLDIDLWDKFSELSTKCIIKTVEFAKQLPGFTTLTIADQIT
LLKAACLDILILRICTRYTPEQDTMTFSDGLTLNRTQMHNAGFGPLTDLVFAFANQLLPLEMDDAETGLLSAICLICGDR
QDLEQPDRVDMLQEPLLEALKVYVRKRRPSRPHMFPKMLMKITDLRSISAKGAERVITLKMEIPGSMPPLIQEMLE
;
A
2 'polypeptide(L)' HKIL(NLE)RLL(HRG)(A1IM7) B
#
# COMPACT_ATOMS: atom_id res chain seq x y z
N LEU A 1 -7.95 -22.13 -12.10
CA LEU A 1 -8.72 -23.09 -12.88
C LEU A 1 -9.95 -23.62 -12.14
N THR A 2 -9.90 -23.67 -10.82
CA THR A 2 -11.04 -24.10 -10.01
C THR A 2 -12.12 -22.99 -10.03
N PRO A 3 -13.41 -23.34 -10.02
CA PRO A 3 -14.46 -22.29 -10.10
C PRO A 3 -14.44 -21.27 -8.96
N GLU A 4 -14.22 -21.71 -7.72
CA GLU A 4 -14.19 -20.81 -6.56
C GLU A 4 -12.94 -19.94 -6.54
N VAL A 5 -11.82 -20.49 -6.98
CA VAL A 5 -10.55 -19.77 -7.02
C VAL A 5 -10.59 -18.67 -8.07
N GLY A 6 -11.11 -18.99 -9.25
CA GLY A 6 -11.23 -18.02 -10.34
C GLY A 6 -12.07 -16.81 -9.98
N GLU A 7 -13.14 -17.02 -9.22
CA GLU A 7 -14.02 -15.93 -8.80
C GLU A 7 -13.33 -15.06 -7.76
N LEU A 8 -12.57 -15.66 -6.84
CA LEU A 8 -11.88 -14.89 -5.80
C LEU A 8 -10.83 -14.00 -6.42
N ILE A 9 -10.06 -14.55 -7.37
CA ILE A 9 -9.03 -13.84 -8.13
C ILE A 9 -9.64 -12.67 -8.90
N GLU A 10 -10.77 -12.91 -9.59
CA GLU A 10 -11.46 -11.90 -10.35
C GLU A 10 -11.95 -10.75 -9.47
N LYS A 11 -12.50 -11.08 -8.31
CA LYS A 11 -12.99 -10.10 -7.34
C LYS A 11 -11.89 -9.22 -6.78
N VAL A 12 -10.74 -9.80 -6.43
CA VAL A 12 -9.64 -9.04 -5.87
C VAL A 12 -8.93 -8.22 -6.95
N ARG A 13 -8.76 -8.77 -8.16
CA ARG A 13 -8.15 -8.02 -9.26
C ARG A 13 -8.99 -6.79 -9.58
N LYS A 14 -10.31 -6.97 -9.64
CA LYS A 14 -11.31 -5.93 -9.90
C LYS A 14 -11.31 -4.89 -8.79
N ALA A 15 -11.20 -5.33 -7.54
CA ALA A 15 -11.17 -4.41 -6.39
C ALA A 15 -9.93 -3.48 -6.48
N HIS A 16 -8.77 -4.04 -6.82
CA HIS A 16 -7.54 -3.29 -6.92
C HIS A 16 -7.60 -2.35 -8.12
N GLN A 17 -7.93 -2.88 -9.30
CA GLN A 17 -8.02 -2.12 -10.52
C GLN A 17 -8.98 -0.93 -10.39
N GLU A 18 -10.13 -1.12 -9.77
CA GLU A 18 -11.12 -0.05 -9.63
C GLU A 18 -10.81 0.99 -8.56
N THR A 19 -9.79 0.75 -7.73
CA THR A 19 -9.39 1.74 -6.73
C THR A 19 -7.94 2.21 -6.97
N PHE A 20 -7.28 1.79 -8.06
CA PHE A 20 -5.88 2.12 -8.30
C PHE A 20 -5.63 2.45 -9.75
N PRO A 21 -5.47 3.74 -10.13
CA PRO A 21 -5.12 4.03 -11.53
C PRO A 21 -3.66 3.63 -11.82
N ALA A 22 -3.40 3.00 -12.97
CA ALA A 22 -2.05 2.57 -13.32
C ALA A 22 -1.21 3.74 -13.82
N LEU A 23 0.12 3.64 -13.67
CA LEU A 23 1.07 4.65 -14.14
C LEU A 23 0.81 5.02 -15.64
N CYS A 24 0.54 4.01 -16.48
CA CYS A 24 0.28 4.21 -17.91
C CYS A 24 -0.97 5.05 -18.20
N GLN A 25 -2.01 4.94 -17.35
CA GLN A 25 -3.24 5.70 -17.51
C GLN A 25 -3.10 7.18 -17.12
N LEU A 26 -2.11 7.51 -16.27
CA LEU A 26 -1.96 8.85 -15.73
C LEU A 26 -1.08 9.77 -16.55
N GLY A 27 -1.34 11.06 -16.48
CA GLY A 27 -0.55 12.09 -17.16
C GLY A 27 0.43 12.67 -16.16
N LYS A 28 1.67 12.19 -16.24
CA LYS A 28 2.76 12.59 -15.35
C LYS A 28 3.03 14.08 -15.40
N TYR A 29 3.22 14.69 -14.24
CA TYR A 29 3.60 16.10 -14.17
C TYR A 29 4.58 16.27 -13.04
N THR A 30 5.53 17.16 -13.22
CA THR A 30 6.56 17.41 -12.21
C THR A 30 6.35 18.76 -11.49
N THR A 31 7.08 18.97 -10.41
CA THR A 31 7.06 20.22 -9.67
C THR A 31 8.53 20.66 -9.45
N ASN A 32 8.76 21.98 -9.35
CA ASN A 32 10.12 22.49 -9.12
C ASN A 32 10.50 22.57 -7.64
N ASN A 33 9.55 22.32 -6.71
CA ASN A 33 9.75 22.38 -5.26
C ASN A 33 10.92 21.53 -4.83
N SER A 34 12.03 22.19 -4.37
CA SER A 34 13.30 21.63 -3.89
C SER A 34 13.69 20.33 -4.58
N SER A 35 13.60 20.31 -5.92
CA SER A 35 13.88 19.11 -6.68
C SER A 35 15.34 18.70 -6.68
N GLU A 36 16.25 19.65 -6.40
CA GLU A 36 17.67 19.36 -6.44
C GLU A 36 18.34 19.40 -5.09
N GLN A 37 17.79 20.16 -4.13
CA GLN A 37 18.41 20.22 -2.81
C GLN A 37 17.65 19.39 -1.77
N ARG A 38 18.39 18.61 -0.99
CA ARG A 38 17.80 17.82 0.08
C ARG A 38 17.62 18.71 1.30
N VAL A 39 16.40 18.75 1.81
CA VAL A 39 16.04 19.50 3.00
C VAL A 39 15.34 18.55 3.98
N SER A 40 15.18 18.97 5.25
CA SER A 40 14.52 18.13 6.26
C SER A 40 13.06 17.94 5.88
N LEU A 41 12.40 19.01 5.39
CA LEU A 41 10.99 18.97 5.00
C LEU A 41 10.58 20.16 4.13
N ASP A 42 10.09 19.90 2.90
CA ASP A 42 9.57 20.96 2.03
C ASP A 42 8.06 21.05 2.33
N ILE A 43 7.62 22.21 2.85
CA ILE A 43 6.23 22.42 3.24
C ILE A 43 5.25 22.23 2.08
N ASP A 44 5.55 22.79 0.90
CA ASP A 44 4.66 22.67 -0.24
C ASP A 44 4.57 21.22 -0.73
N LEU A 45 5.66 20.47 -0.62
CA LEU A 45 5.64 19.06 -0.99
C LEU A 45 4.81 18.28 0.04
N TRP A 46 5.04 18.52 1.33
CA TRP A 46 4.29 17.91 2.43
C TRP A 46 2.77 18.09 2.28
N ASP A 47 2.27 19.29 1.96
CA ASP A 47 0.83 19.53 1.80
C ASP A 47 0.23 18.70 0.65
N LYS A 48 1.00 18.59 -0.46
CA LYS A 48 0.55 17.80 -1.61
C LYS A 48 0.58 16.31 -1.28
N PHE A 49 1.63 15.87 -0.60
CA PHE A 49 1.83 14.49 -0.27
C PHE A 49 0.85 14.01 0.81
N SER A 50 0.54 14.86 1.77
CA SER A 50 -0.38 14.55 2.85
C SER A 50 -1.81 14.47 2.31
N GLU A 51 -2.16 15.37 1.39
CA GLU A 51 -3.48 15.35 0.77
C GLU A 51 -3.64 14.11 -0.14
N LEU A 52 -2.60 13.78 -0.89
CA LEU A 52 -2.64 12.60 -1.76
C LEU A 52 -2.75 11.32 -0.94
N SER A 53 -2.11 11.27 0.24
CA SER A 53 -2.15 10.11 1.12
C SER A 53 -3.55 9.95 1.69
N THR A 54 -4.21 11.07 2.06
CA THR A 54 -5.57 11.07 2.56
C THR A 54 -6.53 10.46 1.53
N LYS A 55 -6.41 10.86 0.28
CA LYS A 55 -7.22 10.32 -0.81
C LYS A 55 -6.92 8.83 -1.00
N CYS A 56 -5.64 8.44 -0.89
CA CYS A 56 -5.26 7.05 -1.06
C CYS A 56 -5.76 6.17 0.11
N ILE A 57 -5.86 6.72 1.32
CA ILE A 57 -6.46 6.00 2.45
C ILE A 57 -7.93 5.72 2.16
N ILE A 58 -8.64 6.69 1.60
CA ILE A 58 -10.04 6.50 1.22
C ILE A 58 -10.17 5.37 0.18
N LYS A 59 -9.30 5.37 -0.84
CA LYS A 59 -9.31 4.30 -1.83
C LYS A 59 -8.99 2.91 -1.20
N THR A 60 -8.04 2.84 -0.27
CA THR A 60 -7.68 1.59 0.39
C THR A 60 -8.86 1.03 1.20
N VAL A 61 -9.63 1.91 1.90
CA VAL A 61 -10.86 1.50 2.60
C VAL A 61 -11.91 0.97 1.55
N GLU A 62 -12.09 1.64 0.39
CA GLU A 62 -13.00 1.17 -0.67
C GLU A 62 -12.56 -0.22 -1.19
N PHE A 63 -11.25 -0.41 -1.35
CA PHE A 63 -10.66 -1.67 -1.78
C PHE A 63 -10.99 -2.77 -0.76
N ALA A 64 -10.78 -2.49 0.54
CA ALA A 64 -11.05 -3.44 1.63
C ALA A 64 -12.52 -3.89 1.68
N LYS A 65 -13.45 -2.97 1.48
CA LYS A 65 -14.88 -3.28 1.47
C LYS A 65 -15.31 -4.19 0.32
N GLN A 66 -14.49 -4.28 -0.74
CA GLN A 66 -14.78 -5.15 -1.87
C GLN A 66 -14.16 -6.56 -1.73
N LEU A 67 -13.23 -6.75 -0.74
CA LEU A 67 -12.59 -8.03 -0.54
C LEU A 67 -13.60 -8.97 0.12
N PRO A 68 -13.79 -10.19 -0.41
CA PRO A 68 -14.82 -11.08 0.16
C PRO A 68 -14.71 -11.36 1.66
N GLY A 69 -15.82 -11.20 2.36
CA GLY A 69 -15.86 -11.45 3.80
C GLY A 69 -15.35 -10.33 4.68
N PHE A 70 -14.64 -9.33 4.11
CA PHE A 70 -14.09 -8.25 4.93
C PHE A 70 -15.17 -7.49 5.70
N THR A 71 -16.27 -7.12 5.03
CA THR A 71 -17.35 -6.39 5.71
C THR A 71 -18.16 -7.25 6.68
N THR A 72 -17.97 -8.60 6.66
CA THR A 72 -18.64 -9.51 7.60
C THR A 72 -17.89 -9.60 8.94
N LEU A 73 -16.63 -9.14 9.02
CA LEU A 73 -15.91 -9.12 10.30
C LEU A 73 -16.53 -8.02 11.17
N THR A 74 -16.18 -7.95 12.47
CA THR A 74 -16.70 -6.87 13.32
C THR A 74 -16.12 -5.54 12.85
N ILE A 75 -16.82 -4.42 13.10
CA ILE A 75 -16.35 -3.09 12.76
C ILE A 75 -15.03 -2.80 13.47
N ALA A 76 -14.92 -3.26 14.74
CA ALA A 76 -13.68 -3.14 15.50
C ALA A 76 -12.51 -3.83 14.79
N ASP A 77 -12.71 -5.06 14.25
CA ASP A 77 -11.65 -5.77 13.56
C ASP A 77 -11.34 -5.19 12.18
N GLN A 78 -12.34 -4.61 11.49
CA GLN A 78 -12.08 -3.96 10.19
C GLN A 78 -11.16 -2.76 10.41
N ILE A 79 -11.44 -1.96 11.47
CA ILE A 79 -10.68 -0.79 11.87
C ILE A 79 -9.27 -1.18 12.28
N THR A 80 -9.13 -2.27 13.05
CA THR A 80 -7.82 -2.74 13.50
C THR A 80 -6.98 -3.19 12.32
N LEU A 81 -7.60 -3.90 11.35
CA LEU A 81 -6.87 -4.37 10.18
C LEU A 81 -6.44 -3.20 9.25
N LEU A 82 -7.35 -2.22 9.04
CA LEU A 82 -7.07 -1.11 8.15
C LEU A 82 -5.97 -0.24 8.69
N LYS A 83 -5.97 0.00 10.01
CA LYS A 83 -4.90 0.78 10.66
C LYS A 83 -3.54 0.05 10.65
N ALA A 84 -3.55 -1.26 10.87
CA ALA A 84 -2.31 -2.03 10.86
C ALA A 84 -1.70 -2.14 9.45
N ALA A 85 -2.51 -2.21 8.41
CA ALA A 85 -2.04 -2.36 7.03
C ALA A 85 -1.95 -1.06 6.24
N CYS A 86 -2.41 0.05 6.81
CA CYS A 86 -2.44 1.35 6.15
C CYS A 86 -1.13 1.72 5.39
N LEU A 87 -0.01 1.84 6.10
CA LEU A 87 1.26 2.22 5.48
C LEU A 87 1.75 1.16 4.52
N ASP A 88 1.52 -0.13 4.81
CA ASP A 88 1.95 -1.20 3.91
C ASP A 88 1.31 -1.06 2.54
N ILE A 89 0.00 -0.77 2.51
CA ILE A 89 -0.72 -0.66 1.25
C ILE A 89 -0.38 0.65 0.52
N LEU A 90 -0.23 1.78 1.25
CA LEU A 90 0.14 3.03 0.57
C LEU A 90 1.53 2.88 -0.03
N ILE A 91 2.47 2.22 0.68
CA ILE A 91 3.85 2.07 0.20
C ILE A 91 3.89 1.14 -1.00
N LEU A 92 3.16 0.02 -0.98
CA LEU A 92 3.09 -0.88 -2.12
C LEU A 92 2.51 -0.17 -3.35
N ARG A 93 1.49 0.69 -3.13
CA ARG A 93 0.88 1.44 -4.22
C ARG A 93 1.84 2.48 -4.81
N ILE A 94 2.53 3.27 -3.96
CA ILE A 94 3.45 4.27 -4.51
C ILE A 94 4.64 3.59 -5.24
N CYS A 95 5.10 2.43 -4.73
CA CYS A 95 6.19 1.70 -5.32
C CYS A 95 5.80 0.98 -6.60
N THR A 96 4.51 0.68 -6.79
CA THR A 96 4.04 0.11 -8.04
C THR A 96 4.17 1.14 -9.20
N ARG A 97 4.24 2.47 -8.90
CA ARG A 97 4.38 3.47 -9.95
C ARG A 97 5.81 4.04 -10.01
N TYR A 98 6.80 3.15 -9.90
CA TYR A 98 8.21 3.52 -9.94
C TYR A 98 8.73 3.58 -11.38
N THR A 99 9.53 4.59 -11.70
CA THR A 99 10.14 4.73 -13.02
C THR A 99 11.65 4.70 -12.81
N PRO A 100 12.30 3.56 -13.08
CA PRO A 100 13.74 3.44 -12.77
C PRO A 100 14.66 4.43 -13.45
N GLU A 101 14.42 4.70 -14.73
CA GLU A 101 15.26 5.62 -15.51
C GLU A 101 15.40 7.00 -14.87
N GLN A 102 14.27 7.63 -14.47
CA GLN A 102 14.35 8.93 -13.81
C GLN A 102 14.38 8.86 -12.28
N ASP A 103 14.24 7.64 -11.70
CA ASP A 103 14.26 7.39 -10.26
C ASP A 103 13.12 8.16 -9.59
N THR A 104 11.93 8.03 -10.15
CA THR A 104 10.76 8.77 -9.67
C THR A 104 9.62 7.88 -9.26
N MET A 105 8.68 8.39 -8.46
CA MET A 105 7.46 7.69 -8.15
C MET A 105 6.27 8.58 -8.56
N THR A 106 5.21 7.98 -9.11
CA THR A 106 4.07 8.77 -9.55
C THR A 106 2.85 8.52 -8.65
N PHE A 107 2.26 9.60 -8.09
CA PHE A 107 1.06 9.55 -7.29
C PHE A 107 -0.19 9.42 -8.17
N SER A 108 -1.35 9.13 -7.54
CA SER A 108 -2.62 8.90 -8.22
C SER A 108 -3.14 10.07 -9.07
N ASP A 109 -2.72 11.31 -8.82
CA ASP A 109 -3.15 12.41 -9.72
C ASP A 109 -2.18 12.65 -10.87
N GLY A 110 -1.06 11.93 -10.92
CA GLY A 110 -0.03 12.10 -11.93
C GLY A 110 1.22 12.79 -11.42
N LEU A 111 1.22 13.32 -10.19
CA LEU A 111 2.37 14.01 -9.60
C LEU A 111 3.54 13.04 -9.52
N THR A 112 4.65 13.38 -10.15
CA THR A 112 5.78 12.52 -10.24
C THR A 112 6.92 13.17 -9.50
N LEU A 113 7.40 12.54 -8.41
CA LEU A 113 8.49 13.10 -7.61
C LEU A 113 9.75 12.29 -7.72
N ASN A 114 10.90 12.97 -7.76
CA ASN A 114 12.18 12.25 -7.79
C ASN A 114 12.59 11.82 -6.37
N ARG A 115 13.69 11.02 -6.25
CA ARG A 115 14.18 10.54 -4.96
C ARG A 115 14.37 11.65 -3.93
N THR A 116 14.93 12.78 -4.36
CA THR A 116 15.14 13.92 -3.47
C THR A 116 13.84 14.53 -3.02
N GLN A 117 12.83 14.64 -3.93
CA GLN A 117 11.53 15.23 -3.56
C GLN A 117 10.72 14.33 -2.66
N MET A 118 10.77 13.01 -2.83
CA MET A 118 10.09 12.05 -1.95
C MET A 118 10.69 12.19 -0.54
N HIS A 119 12.01 12.36 -0.45
CA HIS A 119 12.73 12.58 0.80
C HIS A 119 12.20 13.86 1.45
N ASN A 120 12.15 14.96 0.71
CA ASN A 120 11.71 16.26 1.21
C ASN A 120 10.24 16.34 1.49
N ALA A 121 9.42 15.53 0.81
CA ALA A 121 7.96 15.54 1.05
C ALA A 121 7.60 14.97 2.43
N GLY A 122 8.44 14.13 2.99
CA GLY A 122 8.17 13.54 4.30
C GLY A 122 8.76 12.17 4.53
N PHE A 123 9.25 11.50 3.48
CA PHE A 123 9.82 10.16 3.63
C PHE A 123 11.11 10.17 4.50
N GLY A 124 11.99 11.16 4.25
CA GLY A 124 13.24 11.34 4.98
C GLY A 124 14.13 10.12 5.02
N PRO A 125 14.36 9.58 6.24
CA PRO A 125 15.22 8.38 6.35
C PRO A 125 14.63 7.12 5.72
N LEU A 126 13.29 7.08 5.51
CA LEU A 126 12.60 5.95 4.87
C LEU A 126 12.91 5.82 3.38
N THR A 127 13.27 6.94 2.74
CA THR A 127 13.45 7.06 1.29
C THR A 127 14.21 5.91 0.61
N ASP A 128 15.46 5.59 1.02
CA ASP A 128 16.23 4.55 0.34
C ASP A 128 15.66 3.17 0.49
N LEU A 129 15.00 2.88 1.62
CA LEU A 129 14.35 1.57 1.81
C LEU A 129 13.11 1.46 0.90
N VAL A 130 12.34 2.53 0.78
CA VAL A 130 11.16 2.56 -0.09
C VAL A 130 11.60 2.39 -1.55
N PHE A 131 12.64 3.13 -1.97
CA PHE A 131 13.15 3.01 -3.34
C PHE A 131 13.82 1.65 -3.61
N ALA A 132 14.48 1.05 -2.61
CA ALA A 132 15.09 -0.26 -2.77
C ALA A 132 13.98 -1.30 -2.96
N PHE A 133 12.90 -1.20 -2.15
CA PHE A 133 11.74 -2.07 -2.28
C PHE A 133 11.11 -1.94 -3.67
N ALA A 134 10.99 -0.70 -4.18
CA ALA A 134 10.46 -0.49 -5.53
C ALA A 134 11.31 -1.22 -6.58
N ASN A 135 12.63 -1.14 -6.45
CA ASN A 135 13.53 -1.84 -7.37
C ASN A 135 13.40 -3.36 -7.26
N GLN A 136 13.20 -3.90 -6.06
CA GLN A 136 12.99 -5.34 -5.88
C GLN A 136 11.66 -5.82 -6.45
N LEU A 137 10.65 -4.95 -6.45
CA LEU A 137 9.31 -5.20 -6.90
C LEU A 137 9.23 -5.24 -8.41
N LEU A 138 9.94 -4.34 -9.08
CA LEU A 138 9.95 -4.18 -10.52
C LEU A 138 10.22 -5.50 -11.32
N PRO A 139 11.31 -6.27 -11.08
CA PRO A 139 11.52 -7.50 -11.87
C PRO A 139 10.47 -8.57 -11.69
N LEU A 140 9.75 -8.56 -10.56
CA LEU A 140 8.68 -9.53 -10.29
C LEU A 140 7.59 -9.52 -11.38
N GLU A 141 7.47 -8.41 -12.12
CA GLU A 141 6.53 -8.22 -13.22
C GLU A 141 5.09 -8.51 -12.83
N MET A 142 4.69 -8.07 -11.65
CA MET A 142 3.34 -8.31 -11.16
C MET A 142 2.27 -7.57 -11.93
N ASP A 143 1.09 -8.19 -12.03
CA ASP A 143 -0.05 -7.57 -12.69
C ASP A 143 -1.08 -7.08 -11.63
N ASP A 144 -2.26 -6.62 -12.07
CA ASP A 144 -3.28 -6.13 -11.16
C ASP A 144 -3.74 -7.23 -10.19
N ALA A 145 -3.90 -8.44 -10.70
CA ALA A 145 -4.34 -9.57 -9.88
C ALA A 145 -3.40 -9.85 -8.71
N GLU A 146 -2.09 -9.89 -8.96
CA GLU A 146 -1.06 -10.18 -7.97
C GLU A 146 -0.84 -9.06 -6.98
N THR A 147 -0.81 -7.79 -7.46
CA THR A 147 -0.69 -6.62 -6.58
C THR A 147 -1.90 -6.55 -5.65
N GLY A 148 -3.09 -6.76 -6.20
CA GLY A 148 -4.33 -6.79 -5.45
C GLY A 148 -4.35 -7.88 -4.40
N LEU A 149 -3.88 -9.09 -4.76
CA LEU A 149 -3.82 -10.21 -3.81
C LEU A 149 -2.80 -9.97 -2.71
N LEU A 150 -1.68 -9.34 -3.04
CA LEU A 150 -0.65 -9.00 -2.06
C LEU A 150 -1.17 -7.98 -1.05
N SER A 151 -1.98 -7.02 -1.54
CA SER A 151 -2.60 -6.01 -0.71
C SER A 151 -3.61 -6.64 0.20
N ALA A 152 -4.43 -7.58 -0.31
CA ALA A 152 -5.46 -8.26 0.49
C ALA A 152 -4.83 -9.16 1.55
N ILE A 153 -3.70 -9.82 1.22
CA ILE A 153 -2.99 -10.69 2.16
C ILE A 153 -2.37 -9.86 3.29
N CYS A 154 -1.87 -8.65 2.97
CA CYS A 154 -1.29 -7.71 3.93
CA CYS A 154 -1.29 -7.77 3.97
C CYS A 154 -2.37 -7.21 4.90
N LEU A 155 -3.56 -6.92 4.37
CA LEU A 155 -4.65 -6.38 5.17
C LEU A 155 -5.25 -7.45 6.05
N ILE A 156 -5.59 -8.59 5.46
CA ILE A 156 -6.29 -9.66 6.15
C ILE A 156 -5.26 -10.57 6.78
N CYS A 157 -4.78 -10.16 7.94
CA CYS A 157 -3.73 -10.84 8.64
C CYS A 157 -4.18 -11.03 10.09
N GLY A 158 -4.14 -12.27 10.56
CA GLY A 158 -4.59 -12.60 11.91
C GLY A 158 -3.63 -12.23 13.00
N ASP A 159 -2.35 -11.96 12.67
CA ASP A 159 -1.37 -11.68 13.70
C ASP A 159 -1.43 -10.26 14.27
N ARG A 160 -2.33 -9.40 13.79
CA ARG A 160 -2.42 -8.02 14.31
C ARG A 160 -2.85 -7.98 15.76
N GLN A 161 -2.23 -7.08 16.55
CA GLN A 161 -2.58 -6.98 17.97
C GLN A 161 -3.94 -6.34 18.15
N ASP A 162 -4.67 -6.80 19.17
CA ASP A 162 -5.99 -6.32 19.57
C ASP A 162 -7.11 -6.75 18.65
N LEU A 163 -6.95 -7.89 17.96
CA LEU A 163 -8.02 -8.42 17.13
C LEU A 163 -8.97 -9.20 18.05
N GLU A 164 -10.26 -8.89 17.96
CA GLU A 164 -11.31 -9.59 18.70
C GLU A 164 -11.40 -11.05 18.19
N GLN A 165 -11.31 -11.24 16.86
CA GLN A 165 -11.40 -12.57 16.28
C GLN A 165 -10.21 -12.92 15.36
N PRO A 166 -9.00 -13.15 15.89
CA PRO A 166 -7.85 -13.45 15.00
C PRO A 166 -7.98 -14.72 14.16
N ASP A 167 -8.61 -15.80 14.70
CA ASP A 167 -8.80 -17.06 13.95
C ASP A 167 -9.75 -16.87 12.77
N ARG A 168 -10.76 -16.01 12.94
CA ARG A 168 -11.70 -15.70 11.86
C ARG A 168 -10.95 -14.99 10.72
N VAL A 169 -10.03 -14.08 11.07
CA VAL A 169 -9.21 -13.37 10.07
C VAL A 169 -8.22 -14.33 9.41
N ASP A 170 -7.66 -15.27 10.18
CA ASP A 170 -6.73 -16.30 9.66
C ASP A 170 -7.44 -17.12 8.58
N MET A 171 -8.68 -17.56 8.87
CA MET A 171 -9.52 -18.33 7.97
C MET A 171 -9.80 -17.54 6.70
N LEU A 172 -10.16 -16.26 6.83
CA LEU A 172 -10.42 -15.37 5.69
C LEU A 172 -9.18 -15.18 4.78
N GLN A 173 -7.96 -15.16 5.37
CA GLN A 173 -6.72 -15.00 4.60
C GLN A 173 -6.31 -16.23 3.76
N GLU A 174 -6.52 -17.46 4.32
CA GLU A 174 -6.17 -18.73 3.67
C GLU A 174 -6.68 -18.85 2.22
N PRO A 175 -7.97 -18.56 1.89
CA PRO A 175 -8.38 -18.63 0.47
C PRO A 175 -7.59 -17.68 -0.43
N LEU A 176 -7.12 -16.51 0.09
CA LEU A 176 -6.34 -15.55 -0.71
C LEU A 176 -4.93 -16.04 -1.03
N LEU A 177 -4.27 -16.69 -0.06
CA LEU A 177 -2.93 -17.26 -0.22
C LEU A 177 -2.95 -18.41 -1.23
N GLU A 178 -4.01 -19.24 -1.17
CA GLU A 178 -4.19 -20.34 -2.10
C GLU A 178 -4.40 -19.77 -3.51
N ALA A 179 -5.32 -18.80 -3.67
CA ALA A 179 -5.59 -18.13 -4.95
C ALA A 179 -4.34 -17.49 -5.53
N LEU A 180 -3.48 -16.86 -4.70
CA LEU A 180 -2.24 -16.27 -5.20
C LEU A 180 -1.33 -17.38 -5.73
N LYS A 181 -1.14 -18.46 -4.95
CA LYS A 181 -0.29 -19.58 -5.35
C LYS A 181 -0.66 -20.17 -6.71
N VAL A 182 -1.93 -20.57 -6.91
CA VAL A 182 -2.34 -21.13 -8.19
C VAL A 182 -2.23 -20.13 -9.32
N TYR A 183 -2.59 -18.85 -9.10
CA TYR A 183 -2.51 -17.83 -10.15
C TYR A 183 -1.09 -17.59 -10.60
N VAL A 184 -0.13 -17.54 -9.66
CA VAL A 184 1.27 -17.32 -10.00
C VAL A 184 1.79 -18.48 -10.86
N ARG A 185 1.41 -19.72 -10.51
CA ARG A 185 1.83 -20.91 -11.25
C ARG A 185 1.12 -21.01 -12.60
N LYS A 186 -0.15 -20.61 -12.67
CA LYS A 186 -0.91 -20.66 -13.92
C LYS A 186 -0.45 -19.60 -14.90
N ARG A 187 -0.09 -18.41 -14.41
CA ARG A 187 0.35 -17.31 -15.28
C ARG A 187 1.81 -17.49 -15.67
N ARG A 188 2.66 -17.88 -14.72
CA ARG A 188 4.09 -18.11 -14.97
C ARG A 188 4.45 -19.53 -14.56
N PRO A 189 4.22 -20.52 -15.43
CA PRO A 189 4.49 -21.93 -15.05
C PRO A 189 5.95 -22.35 -15.03
N SER A 190 6.79 -21.66 -15.82
CA SER A 190 8.21 -21.97 -15.92
C SER A 190 8.98 -21.63 -14.63
N ARG A 191 8.54 -20.59 -13.91
CA ARG A 191 9.21 -20.18 -12.68
C ARG A 191 8.35 -20.50 -11.46
N PRO A 192 8.56 -21.67 -10.82
CA PRO A 192 7.75 -22.01 -9.63
C PRO A 192 8.23 -21.42 -8.30
N HIS A 193 9.32 -20.64 -8.32
CA HIS A 193 9.91 -20.01 -7.13
C HIS A 193 9.33 -18.60 -6.83
N MET A 194 8.48 -18.07 -7.73
CA MET A 194 7.89 -16.75 -7.64
C MET A 194 6.96 -16.53 -6.44
N PHE A 195 6.14 -17.55 -6.10
CA PHE A 195 5.19 -17.44 -5.00
C PHE A 195 5.84 -17.11 -3.63
N PRO A 196 6.81 -17.87 -3.07
CA PRO A 196 7.41 -17.45 -1.78
C PRO A 196 8.24 -16.17 -1.90
N LYS A 197 8.72 -15.82 -3.12
CA LYS A 197 9.47 -14.59 -3.36
C LYS A 197 8.54 -13.38 -3.17
N MET A 198 7.29 -13.48 -3.70
CA MET A 198 6.26 -12.45 -3.56
C MET A 198 5.90 -12.25 -2.10
N LEU A 199 5.81 -13.34 -1.33
CA LEU A 199 5.50 -13.26 0.08
C LEU A 199 6.61 -12.62 0.90
N MET A 200 7.86 -12.71 0.43
CA MET A 200 8.97 -12.03 1.10
C MET A 200 8.79 -10.52 1.09
N LYS A 201 8.17 -9.97 0.01
CA LYS A 201 7.89 -8.54 -0.10
C LYS A 201 7.02 -8.06 1.05
N ILE A 202 6.06 -8.89 1.52
CA ILE A 202 5.19 -8.57 2.64
C ILE A 202 6.00 -8.38 3.93
N THR A 203 7.03 -9.21 4.13
CA THR A 203 7.92 -9.11 5.29
C THR A 203 8.72 -7.80 5.21
N ASP A 204 9.21 -7.47 4.01
CA ASP A 204 9.95 -6.24 3.75
C ASP A 204 9.04 -5.04 4.02
N LEU A 205 7.79 -5.11 3.55
CA LEU A 205 6.77 -4.09 3.71
C LEU A 205 6.46 -3.85 5.18
N ARG A 206 6.32 -4.92 5.97
CA ARG A 206 6.06 -4.79 7.41
C ARG A 206 7.26 -4.10 8.09
N SER A 207 8.47 -4.46 7.66
CA SER A 207 9.69 -3.86 8.18
C SER A 207 9.74 -2.35 7.83
N ILE A 208 9.45 -1.99 6.57
CA ILE A 208 9.42 -0.58 6.15
C ILE A 208 8.31 0.17 6.89
N SER A 209 7.12 -0.42 7.05
CA SER A 209 6.02 0.25 7.75
C SER A 209 6.23 0.37 9.25
N ALA A 210 7.03 -0.55 9.86
CA ALA A 210 7.36 -0.41 11.28
C ALA A 210 8.24 0.86 11.43
N LYS A 211 9.24 1.03 10.53
CA LYS A 211 10.09 2.23 10.51
C LYS A 211 9.23 3.47 10.18
N GLY A 212 8.26 3.31 9.28
CA GLY A 212 7.31 4.34 8.88
C GLY A 212 6.48 4.87 10.04
N ALA A 213 6.10 3.98 10.98
CA ALA A 213 5.36 4.43 12.18
C ALA A 213 6.22 5.37 13.04
N GLU A 214 7.54 5.12 13.08
CA GLU A 214 8.48 5.99 13.79
C GLU A 214 8.65 7.32 13.02
N ARG A 215 8.55 7.29 11.69
CA ARG A 215 8.66 8.50 10.89
C ARG A 215 7.47 9.42 11.07
N VAL A 216 6.28 8.87 11.34
CA VAL A 216 5.08 9.68 11.63
C VAL A 216 5.34 10.57 12.85
N ILE A 217 6.01 9.98 13.86
CA ILE A 217 6.42 10.58 15.12
C ILE A 217 7.36 11.77 14.86
N THR A 218 8.49 11.56 14.15
CA THR A 218 9.42 12.65 13.89
C THR A 218 8.78 13.74 13.00
N LEU A 219 7.86 13.36 12.08
CA LEU A 219 7.18 14.32 11.19
C LEU A 219 6.26 15.23 11.94
N LYS A 220 5.52 14.70 12.92
CA LYS A 220 4.61 15.51 13.73
C LYS A 220 5.33 16.71 14.40
N MET A 221 6.63 16.54 14.72
CA MET A 221 7.43 17.60 15.31
C MET A 221 7.83 18.66 14.29
N GLU A 222 8.23 18.22 13.08
CA GLU A 222 8.66 19.11 11.99
C GLU A 222 7.52 19.88 11.32
N ILE A 223 6.37 19.23 11.09
CA ILE A 223 5.26 19.88 10.39
C ILE A 223 4.66 21.02 11.22
N PRO A 224 4.34 22.15 10.56
CA PRO A 224 3.79 23.30 11.28
C PRO A 224 2.47 23.00 12.01
N GLY A 225 1.40 22.74 11.26
CA GLY A 225 0.11 22.37 11.85
C GLY A 225 0.05 20.90 12.19
N SER A 226 -1.08 20.46 12.77
CA SER A 226 -1.25 19.05 13.12
C SER A 226 -1.49 18.20 11.84
N MET A 227 -1.34 16.87 11.97
CA MET A 227 -1.57 15.91 10.89
C MET A 227 -3.01 15.99 10.41
N PRO A 228 -3.26 15.70 9.11
CA PRO A 228 -4.65 15.68 8.62
C PRO A 228 -5.50 14.66 9.39
N PRO A 229 -6.78 14.98 9.62
CA PRO A 229 -7.63 14.10 10.46
C PRO A 229 -7.56 12.60 10.18
N LEU A 230 -7.84 12.15 8.95
CA LEU A 230 -7.83 10.73 8.59
C LEU A 230 -6.49 10.06 8.80
N ILE A 231 -5.38 10.75 8.51
CA ILE A 231 -4.05 10.20 8.74
C ILE A 231 -3.82 9.97 10.24
N GLN A 232 -4.26 10.92 11.07
CA GLN A 232 -4.13 10.84 12.52
C GLN A 232 -4.92 9.62 13.05
N GLU A 233 -6.11 9.38 12.51
CA GLU A 233 -6.96 8.24 12.87
C GLU A 233 -6.27 6.91 12.52
N MET A 234 -5.73 6.79 11.30
CA MET A 234 -5.08 5.56 10.83
C MET A 234 -3.76 5.25 11.49
N LEU A 235 -2.95 6.29 11.80
CA LEU A 235 -1.60 6.04 12.31
C LEU A 235 -1.37 6.42 13.77
N GLU A 236 -2.41 6.89 14.49
CA GLU A 236 -2.26 7.19 15.90
C GLU A 236 -3.30 6.41 16.71
N HIS B 1 -12.31 7.69 15.89
CA HIS B 1 -12.63 6.73 14.83
C HIS B 1 -13.75 6.91 13.87
N LYS B 2 -14.58 7.94 14.22
CA LYS B 2 -15.03 8.90 13.36
C LYS B 2 -15.13 8.62 11.91
N ILE B 3 -14.18 9.25 11.18
CA ILE B 3 -13.90 9.00 9.88
C ILE B 3 -14.00 7.71 9.16
N LEU B 4 -13.01 6.85 9.40
CA LEU B 4 -13.21 5.59 9.69
C LEU B 4 -14.40 4.72 9.65
N ARG B 6 -17.40 6.16 9.47
CA ARG B 6 -18.05 6.54 8.37
C ARG B 6 -18.10 5.89 7.05
N LEU B 7 -17.03 6.07 6.22
CA LEU B 7 -16.24 5.07 5.76
C LEU B 7 -16.62 3.65 5.72
N LEU B 8 -16.32 2.89 6.80
CA LEU B 8 -16.91 1.74 7.17
C LEU B 8 -18.25 1.26 6.82
#